data_6UMT
#
_entry.id   6UMT
#
_cell.length_a   41.291
_cell.length_b   67.798
_cell.length_c   89.701
_cell.angle_alpha   90.000
_cell.angle_beta   90.000
_cell.angle_gamma   90.000
#
_symmetry.space_group_name_H-M   'P 21 21 21'
#
loop_
_entity.id
_entity.type
_entity.pdbx_description
1 polymer 'Programmed cell death protein 1'
2 polymer 'Programmed cell death 1 ligand 2'
3 non-polymer 'MAGNESIUM ION'
4 water water
#
loop_
_entity_poly.entity_id
_entity_poly.type
_entity_poly.pdbx_seq_one_letter_code
_entity_poly.pdbx_strand_id
1 'polypeptide(L)'
;MGWSCIILFLVATATGVHSNPPTFSPALLVVTEGDSATFTCSFSSTSESFVLNWYRMSPSGQPDKLAAFPEDRSQPGQDS
RFRVTQLPNGRDFHMSVVRARRDDSGTYLCGAISLAPKVQIKESLRAELRVTERRAEPEA
;
A
2 'polypeptide(L)'
;MIFLLLMLSLELQLHQIAALFTVTVPKELYIIEHGSDVTLECNFDTGSHVNLGAITASLQKVEDDTSPHRERATLLEEQL
PLGKASFHIPQVQVRDEGQYQCIIIYGVAWDYKYLTLKVKASY
;
B
#
loop_
_chem_comp.id
_chem_comp.type
_chem_comp.name
_chem_comp.formula
MG non-polymer 'MAGNESIUM ION' 'Mg 2'
#
# COMPACT_ATOMS: atom_id res chain seq x y z
N ASN A 20 -10.66 11.37 8.40
CA ASN A 20 -11.13 10.05 7.99
C ASN A 20 -10.06 9.14 7.33
N PRO A 21 -8.87 9.69 6.96
CA PRO A 21 -7.77 8.72 6.85
C PRO A 21 -7.57 8.03 8.20
N PRO A 22 -7.10 6.77 8.22
CA PRO A 22 -6.96 6.17 9.54
C PRO A 22 -5.94 6.91 10.38
N THR A 23 -6.07 6.79 11.70
CA THR A 23 -5.04 7.32 12.58
C THR A 23 -4.26 6.11 13.09
N PHE A 24 -3.04 6.35 13.55
CA PHE A 24 -2.12 5.28 13.82
C PHE A 24 -1.18 5.75 14.91
N SER A 25 -1.17 5.07 16.05
CA SER A 25 -0.47 5.62 17.21
C SER A 25 0.18 4.50 18.02
N PRO A 26 1.24 4.82 18.80
CA PRO A 26 1.82 6.15 18.97
C PRO A 26 2.72 6.50 17.81
N ALA A 27 3.03 7.78 17.64
CA ALA A 27 3.90 8.21 16.55
C ALA A 27 5.29 7.60 16.71
N LEU A 28 5.69 7.36 17.96
CA LEU A 28 7.00 6.76 18.27
C LEU A 28 6.81 5.66 19.32
N LEU A 29 7.09 4.42 18.93
CA LEU A 29 6.89 3.27 19.80
C LEU A 29 8.25 2.62 20.07
N VAL A 30 8.60 2.46 21.33
CA VAL A 30 9.92 1.95 21.67
C VAL A 30 9.73 0.72 22.54
N VAL A 31 10.30 -0.40 22.12
N VAL A 31 10.25 -0.42 22.10
CA VAL A 31 10.12 -1.71 22.75
CA VAL A 31 10.20 -1.65 22.89
C VAL A 31 11.46 -2.46 22.86
C VAL A 31 11.56 -2.30 23.01
N THR A 32 11.63 -3.28 23.89
CA THR A 32 12.84 -4.07 24.06
C THR A 32 12.75 -5.31 23.17
N GLU A 33 13.86 -5.72 22.53
CA GLU A 33 13.82 -6.86 21.61
C GLU A 33 13.29 -8.09 22.37
N GLY A 34 12.39 -8.85 21.74
CA GLY A 34 11.82 -10.01 22.42
C GLY A 34 10.41 -9.75 22.94
N ASP A 35 10.09 -8.50 23.26
CA ASP A 35 8.76 -8.09 23.70
C ASP A 35 7.79 -7.84 22.53
N SER A 36 6.48 -7.81 22.79
CA SER A 36 5.55 -7.48 21.71
C SER A 36 5.52 -5.95 21.54
N ALA A 37 5.29 -5.49 20.32
CA ALA A 37 5.16 -4.08 20.02
C ALA A 37 3.79 -3.89 19.42
N THR A 38 2.95 -3.05 20.05
CA THR A 38 1.60 -2.90 19.58
C THR A 38 1.27 -1.46 19.18
N PHE A 39 0.95 -1.27 17.90
CA PHE A 39 0.36 -0.02 17.44
C PHE A 39 -1.16 -0.08 17.49
N THR A 40 -1.83 1.07 17.48
CA THR A 40 -3.27 1.06 17.32
C THR A 40 -3.68 1.84 16.08
N CYS A 41 -4.46 1.20 15.20
CA CYS A 41 -5.02 1.84 14.02
CA CYS A 41 -5.01 1.87 14.03
C CYS A 41 -6.50 2.13 14.26
N SER A 42 -6.95 3.31 13.87
N SER A 42 -6.96 3.30 13.84
CA SER A 42 -8.35 3.70 14.04
CA SER A 42 -8.34 3.70 14.04
C SER A 42 -8.96 4.09 12.71
C SER A 42 -8.97 4.11 12.72
N PHE A 43 -10.10 3.48 12.38
CA PHE A 43 -10.76 3.72 11.11
C PHE A 43 -12.18 3.20 11.14
N SER A 44 -13.07 3.89 10.44
CA SER A 44 -14.44 3.44 10.31
C SER A 44 -15.04 3.96 9.01
N SER A 45 -15.79 3.09 8.34
CA SER A 45 -16.51 3.47 7.13
C SER A 45 -17.95 3.00 7.23
N THR A 46 -18.88 3.91 7.04
CA THR A 46 -20.28 3.58 7.20
C THR A 46 -20.84 3.04 5.88
N SER A 47 -20.03 3.12 4.85
CA SER A 47 -20.50 2.90 3.50
C SER A 47 -19.66 1.92 2.71
N GLU A 48 -18.49 1.52 3.22
CA GLU A 48 -17.65 0.56 2.50
C GLU A 48 -17.09 -0.54 3.40
N SER A 49 -16.86 -1.74 2.87
CA SER A 49 -16.39 -2.89 3.62
C SER A 49 -15.01 -2.67 4.18
N PHE A 50 -14.11 -2.09 3.38
CA PHE A 50 -13.01 -2.82 2.80
C PHE A 50 -12.10 -3.27 3.96
N VAL A 51 -11.23 -4.22 3.69
CA VAL A 51 -10.18 -4.65 4.60
C VAL A 51 -9.21 -3.53 4.97
N LEU A 52 -8.65 -3.61 6.17
CA LEU A 52 -7.71 -2.63 6.66
C LEU A 52 -6.30 -3.23 6.64
N ASN A 53 -5.32 -2.51 6.12
CA ASN A 53 -3.98 -3.09 5.93
C ASN A 53 -2.93 -2.46 6.81
N TRP A 54 -1.97 -3.27 7.23
CA TRP A 54 -0.84 -2.76 8.00
C TRP A 54 0.44 -2.86 7.16
N TYR A 55 1.22 -1.77 7.10
CA TYR A 55 2.42 -1.64 6.23
C TYR A 55 3.67 -1.26 6.96
N ARG A 56 4.79 -1.77 6.46
CA ARG A 56 6.11 -1.26 6.80
C ARG A 56 6.71 -0.60 5.55
N MET A 57 7.29 0.59 5.72
CA MET A 57 7.89 1.31 4.60
C MET A 57 9.37 0.96 4.40
N SER A 58 9.71 0.57 3.19
CA SER A 58 11.08 0.26 2.80
C SER A 58 11.99 1.50 2.81
N PRO A 59 13.31 1.30 2.63
CA PRO A 59 14.20 2.44 2.39
C PRO A 59 13.71 3.35 1.27
N SER A 60 13.46 2.76 0.11
CA SER A 60 13.04 3.50 -1.09
C SER A 60 11.63 4.06 -0.94
N GLY A 61 10.96 3.74 0.16
CA GLY A 61 9.65 4.29 0.43
C GLY A 61 8.49 3.47 -0.09
N GLN A 62 8.73 2.22 -0.49
CA GLN A 62 7.66 1.31 -0.86
C GLN A 62 6.95 0.67 0.34
N PRO A 63 5.63 0.64 0.29
CA PRO A 63 4.93 0.03 1.41
C PRO A 63 4.91 -1.50 1.29
N ASP A 64 5.33 -2.21 2.33
CA ASP A 64 5.33 -3.69 2.30
C ASP A 64 4.22 -4.19 3.21
N LYS A 65 3.30 -4.97 2.63
CA LYS A 65 2.09 -5.34 3.39
C LYS A 65 2.43 -6.39 4.43
N LEU A 66 2.22 -6.08 5.70
CA LEU A 66 2.53 -7.04 6.78
C LEU A 66 1.36 -7.94 7.13
N ALA A 67 0.20 -7.32 7.32
CA ALA A 67 -0.97 -8.07 7.70
C ALA A 67 -2.16 -7.20 7.43
N ALA A 68 -3.34 -7.74 7.71
CA ALA A 68 -4.59 -7.06 7.40
C ALA A 68 -5.74 -7.63 8.22
N PHE A 69 -6.81 -6.87 8.35
CA PHE A 69 -8.03 -7.38 8.94
C PHE A 69 -9.23 -7.02 8.11
N PRO A 70 -10.12 -7.99 7.87
CA PRO A 70 -9.83 -9.42 8.14
C PRO A 70 -9.19 -10.06 6.90
N GLU A 71 -8.10 -10.78 7.09
CA GLU A 71 -7.51 -11.57 6.01
C GLU A 71 -6.59 -12.59 6.66
N SER A 80 2.42 -16.65 12.29
CA SER A 80 2.72 -15.33 11.75
C SER A 80 3.37 -14.42 12.83
N ARG A 81 4.29 -13.58 12.38
CA ARG A 81 5.01 -12.66 13.24
C ARG A 81 4.17 -11.42 13.55
N PHE A 82 3.17 -11.19 12.71
CA PHE A 82 2.32 -9.99 12.74
C PHE A 82 0.89 -10.34 13.05
N ARG A 83 0.27 -9.52 13.90
CA ARG A 83 -1.08 -9.81 14.32
C ARG A 83 -1.95 -8.57 14.32
N VAL A 84 -3.14 -8.72 13.77
CA VAL A 84 -4.13 -7.63 13.72
C VAL A 84 -5.43 -8.08 14.32
N THR A 85 -5.92 -7.34 15.30
CA THR A 85 -7.15 -7.73 15.98
C THR A 85 -8.05 -6.51 16.18
N GLN A 86 -9.36 -6.72 16.16
CA GLN A 86 -10.31 -5.62 16.26
C GLN A 86 -10.78 -5.45 17.70
N LEU A 87 -10.63 -4.25 18.25
CA LEU A 87 -10.99 -4.03 19.65
C LEU A 87 -12.51 -3.90 19.80
N PRO A 88 -13.02 -3.88 21.05
CA PRO A 88 -14.47 -3.92 21.21
C PRO A 88 -15.25 -2.76 20.58
N ASN A 89 -14.69 -1.55 20.57
CA ASN A 89 -15.46 -0.41 20.07
C ASN A 89 -15.69 -0.45 18.56
N GLY A 90 -15.06 -1.39 17.89
CA GLY A 90 -15.27 -1.59 16.47
C GLY A 90 -14.39 -0.77 15.54
N ARG A 91 -13.84 0.34 16.02
CA ARG A 91 -13.10 1.23 15.11
C ARG A 91 -11.61 1.26 15.38
N ASP A 92 -11.19 0.71 16.53
CA ASP A 92 -9.77 0.58 16.84
C ASP A 92 -9.27 -0.86 16.57
N PHE A 93 -8.00 -0.96 16.15
CA PHE A 93 -7.35 -2.24 15.81
C PHE A 93 -5.98 -2.27 16.42
N HIS A 94 -5.66 -3.33 17.16
CA HIS A 94 -4.27 -3.55 17.55
C HIS A 94 -3.47 -4.21 16.40
N MET A 95 -2.37 -3.58 16.02
CA MET A 95 -1.45 -4.16 15.04
CA MET A 95 -1.43 -4.14 15.05
C MET A 95 -0.15 -4.43 15.78
N SER A 96 0.19 -5.70 15.94
CA SER A 96 1.30 -6.06 16.81
C SER A 96 2.36 -6.84 16.10
N VAL A 97 3.62 -6.46 16.35
CA VAL A 97 4.74 -7.35 16.12
C VAL A 97 4.79 -8.29 17.35
N VAL A 98 4.59 -9.59 17.15
CA VAL A 98 4.38 -10.48 18.31
C VAL A 98 5.64 -10.61 19.15
N ARG A 99 6.78 -10.78 18.50
CA ARG A 99 8.06 -10.79 19.21
C ARG A 99 9.07 -9.90 18.47
N ALA A 100 9.30 -8.68 18.97
CA ALA A 100 10.07 -7.69 18.22
C ALA A 100 11.53 -8.09 18.09
N ARG A 101 12.08 -7.92 16.89
CA ARG A 101 13.49 -8.13 16.62
C ARG A 101 14.12 -6.78 16.34
N ARG A 102 15.41 -6.63 16.62
CA ARG A 102 16.11 -5.40 16.28
C ARG A 102 15.80 -4.96 14.84
N ASP A 103 15.77 -5.90 13.88
CA ASP A 103 15.59 -5.48 12.50
C ASP A 103 14.15 -5.11 12.20
N ASP A 104 13.25 -5.15 13.18
CA ASP A 104 11.92 -4.62 12.93
C ASP A 104 11.84 -3.10 13.08
N SER A 105 12.89 -2.49 13.65
CA SER A 105 12.89 -1.03 13.79
C SER A 105 12.69 -0.37 12.42
N GLY A 106 11.79 0.60 12.36
CA GLY A 106 11.51 1.27 11.11
C GLY A 106 10.23 2.05 11.12
N THR A 107 9.74 2.31 9.92
CA THR A 107 8.59 3.16 9.70
C THR A 107 7.36 2.36 9.33
N TYR A 108 6.22 2.65 9.97
CA TYR A 108 5.01 1.84 9.78
C TYR A 108 3.79 2.71 9.58
N LEU A 109 2.75 2.16 8.97
CA LEU A 109 1.51 2.92 8.82
C LEU A 109 0.38 1.93 8.56
N CYS A 110 -0.84 2.44 8.65
CA CYS A 110 -2.06 1.71 8.36
CA CYS A 110 -1.96 1.63 8.22
C CYS A 110 -2.74 2.37 7.15
N GLY A 111 -3.35 1.60 6.27
CA GLY A 111 -3.99 2.17 5.12
C GLY A 111 -5.36 1.59 4.95
N ALA A 112 -6.25 2.45 4.48
CA ALA A 112 -7.59 2.08 4.04
C ALA A 112 -7.73 2.42 2.57
N ILE A 113 -8.73 1.83 1.93
CA ILE A 113 -8.99 2.14 0.53
C ILE A 113 -10.44 2.58 0.36
N SER A 114 -10.69 3.51 -0.56
CA SER A 114 -12.05 3.91 -0.84
C SER A 114 -12.17 4.02 -2.34
N LEU A 115 -13.41 3.89 -2.84
CA LEU A 115 -13.67 4.01 -4.26
C LEU A 115 -14.18 5.39 -4.64
N ALA A 116 -14.46 6.24 -3.65
CA ALA A 116 -15.08 7.52 -3.98
C ALA A 116 -14.22 8.70 -3.52
N PRO A 117 -14.12 9.75 -4.37
CA PRO A 117 -14.79 9.87 -5.68
C PRO A 117 -14.10 9.04 -6.77
N LYS A 118 -12.92 8.52 -6.44
CA LYS A 118 -12.18 7.63 -7.33
C LYS A 118 -11.37 6.68 -6.45
N VAL A 119 -10.77 5.62 -7.00
CA VAL A 119 -9.99 4.70 -6.16
C VAL A 119 -8.80 5.45 -5.56
N GLN A 120 -8.61 5.32 -4.24
CA GLN A 120 -7.54 6.03 -3.53
C GLN A 120 -7.13 5.26 -2.30
N ILE A 121 -5.83 5.18 -2.03
CA ILE A 121 -5.39 4.69 -0.74
C ILE A 121 -5.42 5.86 0.23
N LYS A 122 -5.87 5.63 1.46
CA LYS A 122 -5.72 6.64 2.49
C LYS A 122 -4.71 6.13 3.48
N GLU A 123 -3.52 6.72 3.49
CA GLU A 123 -2.47 6.25 4.39
C GLU A 123 -2.62 7.02 5.70
N SER A 124 -2.39 6.38 6.83
CA SER A 124 -2.29 7.13 8.08
C SER A 124 -0.99 7.93 8.05
N LEU A 125 -0.82 8.84 8.98
CA LEU A 125 0.51 9.36 9.28
C LEU A 125 1.41 8.22 9.70
N ARG A 126 2.70 8.39 9.44
CA ARG A 126 3.65 7.30 9.63
C ARG A 126 4.19 7.34 11.05
N ALA A 127 4.40 6.18 11.63
CA ALA A 127 4.87 6.09 13.01
C ALA A 127 6.18 5.34 13.01
N GLU A 128 6.98 5.51 14.05
N GLU A 128 7.02 5.54 14.01
CA GLU A 128 8.28 4.87 14.09
CA GLU A 128 8.27 4.81 14.00
C GLU A 128 8.35 3.85 15.21
C GLU A 128 8.33 3.85 15.17
N LEU A 129 8.87 2.68 14.89
CA LEU A 129 9.12 1.64 15.89
C LEU A 129 10.64 1.57 16.14
N ARG A 130 11.06 1.61 17.39
CA ARG A 130 12.47 1.42 17.70
C ARG A 130 12.53 0.25 18.65
N VAL A 131 13.29 -0.77 18.26
CA VAL A 131 13.45 -1.94 19.11
C VAL A 131 14.83 -1.81 19.74
N THR A 132 14.91 -1.84 21.06
CA THR A 132 16.18 -1.69 21.73
C THR A 132 16.81 -3.02 22.14
N GLU A 133 18.13 -3.03 22.22
CA GLU A 133 18.87 -4.19 22.70
C GLU A 133 18.52 -4.52 24.15
N ARG A 134 18.15 -5.77 24.41
CA ARG A 134 17.88 -6.19 25.77
C ARG A 134 19.20 -6.32 26.49
N ARG A 135 19.28 -5.93 27.76
CA ARG A 135 20.53 -6.05 28.50
C ARG A 135 20.89 -7.52 28.75
N ALA A 136 22.17 -7.79 29.02
CA ALA A 136 22.57 -9.11 29.50
C ALA A 136 22.05 -9.31 30.92
N LEU B 20 -1.48 -13.75 2.08
CA LEU B 20 -1.93 -12.39 1.85
C LEU B 20 -1.86 -12.03 0.37
N PHE B 21 -2.90 -11.37 -0.11
CA PHE B 21 -2.86 -10.80 -1.43
C PHE B 21 -1.80 -9.69 -1.44
N THR B 22 -0.79 -9.79 -2.33
CA THR B 22 0.25 -8.75 -2.41
C THR B 22 0.53 -8.24 -3.82
N VAL B 23 1.05 -7.02 -3.91
CA VAL B 23 1.38 -6.38 -5.17
C VAL B 23 2.86 -6.05 -5.14
N THR B 24 3.57 -6.29 -6.24
CA THR B 24 4.99 -5.99 -6.33
C THR B 24 5.32 -5.18 -7.56
N VAL B 25 6.41 -4.45 -7.53
CA VAL B 25 6.82 -3.67 -8.67
C VAL B 25 8.24 -3.96 -8.98
N PRO B 26 8.46 -4.69 -10.07
CA PRO B 26 9.84 -5.09 -10.39
C PRO B 26 10.60 -3.91 -10.99
N LYS B 27 9.90 -2.90 -11.47
CA LYS B 27 10.57 -1.71 -11.94
C LYS B 27 9.85 -0.50 -11.38
N GLU B 28 10.50 0.28 -10.52
CA GLU B 28 9.79 1.37 -9.87
C GLU B 28 9.97 2.72 -10.56
N LEU B 29 10.96 2.84 -11.43
CA LEU B 29 11.25 4.10 -12.11
C LEU B 29 11.26 3.96 -13.63
N TYR B 30 10.43 4.75 -14.30
CA TYR B 30 10.34 4.77 -15.73
C TYR B 30 10.85 6.13 -16.21
N ILE B 31 11.77 6.10 -17.16
CA ILE B 31 12.32 7.33 -17.70
C ILE B 31 11.98 7.35 -19.18
N ILE B 32 11.09 8.24 -19.59
CA ILE B 32 10.55 8.19 -20.95
C ILE B 32 10.80 9.51 -21.69
N GLU B 33 11.15 9.41 -22.97
CA GLU B 33 11.32 10.60 -23.79
C GLU B 33 10.00 11.30 -24.00
N HIS B 34 10.03 12.61 -23.81
CA HIS B 34 8.89 13.45 -24.08
C HIS B 34 8.16 13.09 -25.39
N GLY B 35 6.83 13.02 -25.35
CA GLY B 35 6.05 12.64 -26.52
C GLY B 35 6.06 11.15 -26.92
N SER B 36 6.74 10.29 -26.16
N SER B 36 6.77 10.30 -26.17
CA SER B 36 6.67 8.86 -26.46
CA SER B 36 6.71 8.86 -26.42
C SER B 36 5.85 8.09 -25.42
C SER B 36 5.67 8.21 -25.51
N ASP B 37 5.25 6.99 -25.87
CA ASP B 37 4.33 6.19 -25.03
C ASP B 37 5.03 5.46 -23.90
N VAL B 38 4.30 5.08 -22.85
CA VAL B 38 4.88 4.25 -21.80
C VAL B 38 3.83 3.31 -21.24
N THR B 39 4.28 2.14 -20.80
CA THR B 39 3.40 1.18 -20.15
C THR B 39 3.90 0.94 -18.73
N LEU B 40 3.16 1.43 -17.74
CA LEU B 40 3.57 1.29 -16.34
C LEU B 40 2.92 0.01 -15.78
N GLU B 41 3.63 -0.70 -14.90
CA GLU B 41 3.19 -2.03 -14.51
C GLU B 41 3.44 -2.36 -13.07
N CYS B 42 2.54 -3.17 -12.51
CA CYS B 42 2.85 -3.80 -11.25
C CYS B 42 2.20 -5.17 -11.30
N ASN B 43 2.74 -6.08 -10.49
CA ASN B 43 2.34 -7.46 -10.51
C ASN B 43 1.55 -7.81 -9.27
N PHE B 44 0.74 -8.85 -9.34
CA PHE B 44 0.09 -9.29 -8.11
C PHE B 44 0.17 -10.79 -7.96
N ASP B 45 0.18 -11.21 -6.69
CA ASP B 45 0.48 -12.57 -6.30
C ASP B 45 -0.64 -13.13 -5.46
N THR B 46 -1.16 -14.25 -5.95
CA THR B 46 -2.26 -14.96 -5.36
C THR B 46 -2.01 -16.46 -5.53
N GLY B 47 -2.45 -17.27 -4.58
CA GLY B 47 -2.21 -18.70 -4.63
C GLY B 47 -3.39 -19.54 -5.11
N SER B 48 -4.20 -18.97 -5.98
CA SER B 48 -5.33 -19.68 -6.50
C SER B 48 -5.68 -19.12 -7.84
N HIS B 49 -6.34 -19.93 -8.64
CA HIS B 49 -6.43 -19.64 -10.02
C HIS B 49 -7.10 -18.31 -10.02
N VAL B 50 -6.82 -17.48 -11.01
CA VAL B 50 -7.07 -16.07 -10.86
C VAL B 50 -8.51 -15.88 -11.24
N ASN B 51 -9.34 -15.88 -10.22
CA ASN B 51 -10.78 -15.94 -10.44
C ASN B 51 -11.38 -14.71 -10.96
N LEU B 52 -10.55 -13.71 -11.14
CA LEU B 52 -11.15 -12.47 -11.50
C LEU B 52 -11.71 -11.89 -12.77
N GLY B 53 -13.00 -11.64 -12.68
CA GLY B 53 -13.65 -10.36 -12.74
C GLY B 53 -13.87 -9.73 -11.39
N ALA B 54 -13.22 -10.30 -10.38
CA ALA B 54 -13.19 -9.82 -9.02
C ALA B 54 -11.99 -8.86 -8.82
N ILE B 55 -11.21 -8.68 -9.86
CA ILE B 55 -10.09 -7.80 -9.77
C ILE B 55 -10.33 -6.43 -10.34
N THR B 56 -10.10 -5.43 -9.53
CA THR B 56 -10.01 -4.05 -9.98
C THR B 56 -8.51 -3.72 -10.01
N ALA B 57 -8.08 -2.88 -10.94
CA ALA B 57 -6.76 -2.30 -10.83
C ALA B 57 -6.88 -0.87 -11.22
N SER B 58 -6.10 0.00 -10.58
CA SER B 58 -6.08 1.39 -10.99
C SER B 58 -4.70 1.94 -10.79
N LEU B 59 -4.37 2.93 -11.60
CA LEU B 59 -3.13 3.64 -11.43
C LEU B 59 -3.47 5.09 -11.07
N GLN B 60 -3.18 5.48 -9.84
CA GLN B 60 -3.59 6.80 -9.38
C GLN B 60 -2.41 7.74 -9.21
N LYS B 61 -2.43 8.85 -9.94
CA LYS B 61 -1.35 9.81 -9.81
C LYS B 61 -1.41 10.47 -8.43
N VAL B 62 -0.29 10.54 -7.78
CA VAL B 62 -0.23 11.12 -6.47
C VAL B 62 -0.50 12.63 -6.50
N GLU B 63 0.24 13.38 -7.28
CA GLU B 63 0.02 14.82 -7.26
C GLU B 63 -1.36 15.28 -7.72
N ASP B 64 -1.86 14.71 -8.80
CA ASP B 64 -3.16 15.02 -9.39
C ASP B 64 -4.29 15.27 -8.42
N PRO B 68 -8.85 15.56 -10.80
CA PRO B 68 -8.13 15.99 -11.98
C PRO B 68 -8.05 14.91 -13.06
N HIS B 69 -9.13 14.98 -13.81
CA HIS B 69 -9.35 13.83 -14.57
C HIS B 69 -9.82 13.71 -15.88
N ARG B 70 -8.88 13.43 -16.78
CA ARG B 70 -9.61 12.78 -17.84
C ARG B 70 -8.83 11.51 -17.54
N GLU B 71 -8.24 11.37 -16.36
CA GLU B 71 -6.83 11.04 -16.26
C GLU B 71 -6.53 9.68 -16.90
N ARG B 72 -5.47 9.92 -17.65
CA ARG B 72 -4.72 9.24 -18.68
C ARG B 72 -4.18 7.86 -18.84
N ALA B 73 -3.85 7.19 -17.79
CA ALA B 73 -3.24 5.89 -17.95
C ALA B 73 -4.32 4.85 -18.00
N THR B 74 -4.36 4.10 -19.08
CA THR B 74 -5.45 3.16 -19.24
C THR B 74 -5.02 1.72 -18.98
N LEU B 75 -5.84 1.00 -18.23
CA LEU B 75 -5.55 -0.40 -17.87
C LEU B 75 -5.62 -1.29 -19.11
N LEU B 76 -4.64 -2.17 -19.28
CA LEU B 76 -4.71 -3.21 -20.33
C LEU B 76 -5.20 -4.54 -19.74
N GLU B 77 -6.49 -4.81 -19.86
CA GLU B 77 -7.12 -5.89 -19.12
C GLU B 77 -6.60 -7.26 -19.54
N GLU B 78 -6.19 -7.37 -20.79
CA GLU B 78 -5.81 -8.65 -21.34
C GLU B 78 -4.58 -9.22 -20.63
N GLN B 79 -3.84 -8.37 -19.92
CA GLN B 79 -2.64 -8.91 -19.28
C GLN B 79 -2.84 -9.31 -17.82
N LEU B 80 -4.04 -9.08 -17.29
CA LEU B 80 -4.35 -9.49 -15.94
C LEU B 80 -4.17 -11.00 -15.69
N PRO B 81 -4.56 -11.86 -16.64
CA PRO B 81 -4.32 -13.29 -16.37
C PRO B 81 -2.83 -13.66 -16.27
N LEU B 82 -1.95 -12.77 -16.74
CA LEU B 82 -0.50 -12.95 -16.55
C LEU B 82 -0.04 -12.46 -15.18
N GLY B 83 -1.00 -12.04 -14.35
CA GLY B 83 -0.67 -11.48 -13.04
C GLY B 83 -0.09 -10.08 -13.06
N LYS B 84 -0.39 -9.30 -14.09
CA LYS B 84 0.14 -7.94 -14.19
C LYS B 84 -0.97 -6.96 -14.40
N ALA B 85 -0.83 -5.82 -13.76
CA ALA B 85 -1.66 -4.68 -14.02
C ALA B 85 -0.79 -3.71 -14.80
N SER B 86 -1.14 -3.53 -16.08
CA SER B 86 -0.40 -2.69 -17.00
C SER B 86 -1.25 -1.55 -17.42
N PHE B 87 -0.64 -0.38 -17.40
CA PHE B 87 -1.32 0.87 -17.71
C PHE B 87 -0.56 1.63 -18.79
N HIS B 88 -1.22 1.95 -19.88
CA HIS B 88 -0.57 2.62 -20.99
C HIS B 88 -0.88 4.08 -21.00
N ILE B 89 0.15 4.89 -21.15
CA ILE B 89 0.00 6.30 -21.45
C ILE B 89 0.61 6.66 -22.79
N PRO B 90 -0.29 7.24 -23.64
CA PRO B 90 0.24 7.64 -24.94
C PRO B 90 0.91 9.01 -24.91
N GLN B 91 2.02 9.18 -25.62
CA GLN B 91 2.56 10.49 -25.88
C GLN B 91 2.77 11.34 -24.65
N VAL B 92 3.53 10.84 -23.70
CA VAL B 92 3.63 11.47 -22.42
C VAL B 92 4.00 12.93 -22.46
N GLN B 93 3.42 13.69 -21.57
CA GLN B 93 3.61 15.13 -21.47
C GLN B 93 4.30 15.41 -20.14
N VAL B 94 4.82 16.63 -19.99
CA VAL B 94 5.34 17.11 -18.72
C VAL B 94 4.36 16.81 -17.57
N ARG B 95 3.06 17.01 -17.78
CA ARG B 95 2.08 16.75 -16.72
C ARG B 95 2.00 15.29 -16.24
N ASP B 96 2.54 14.36 -17.04
CA ASP B 96 2.50 12.93 -16.64
C ASP B 96 3.59 12.57 -15.64
N GLU B 97 4.58 13.44 -15.51
CA GLU B 97 5.74 13.19 -14.67
C GLU B 97 5.31 13.21 -13.21
N GLY B 98 5.77 12.22 -12.45
CA GLY B 98 5.55 12.24 -11.02
C GLY B 98 5.36 10.81 -10.51
N GLN B 99 4.85 10.73 -9.28
CA GLN B 99 4.63 9.48 -8.59
C GLN B 99 3.19 9.02 -8.77
N TYR B 100 3.00 7.70 -8.80
CA TYR B 100 1.72 7.06 -9.04
C TYR B 100 1.58 5.94 -8.02
N GLN B 101 0.37 5.65 -7.58
CA GLN B 101 0.09 4.39 -6.84
C GLN B 101 -0.50 3.35 -7.78
N CYS B 102 0.13 2.18 -7.81
CA CYS B 102 -0.43 1.06 -8.56
C CYS B 102 -1.27 0.25 -7.61
N ILE B 103 -2.59 0.22 -7.80
CA ILE B 103 -3.50 -0.29 -6.76
C ILE B 103 -4.28 -1.46 -7.33
N ILE B 104 -4.26 -2.57 -6.62
CA ILE B 104 -4.95 -3.73 -7.14
C ILE B 104 -5.86 -4.26 -6.03
N ILE B 105 -7.12 -4.43 -6.39
CA ILE B 105 -8.16 -4.90 -5.50
C ILE B 105 -8.62 -6.27 -5.98
N TYR B 106 -8.79 -7.18 -5.02
CA TYR B 106 -9.21 -8.55 -5.30
C TYR B 106 -10.22 -8.95 -4.24
N GLY B 107 -11.50 -8.89 -4.59
CA GLY B 107 -12.54 -9.10 -3.60
C GLY B 107 -12.55 -7.90 -2.67
N VAL B 108 -12.33 -8.14 -1.38
CA VAL B 108 -12.19 -7.04 -0.44
C VAL B 108 -10.73 -6.87 -0.02
N ALA B 109 -9.86 -7.75 -0.50
CA ALA B 109 -8.43 -7.65 -0.26
C ALA B 109 -7.77 -6.69 -1.26
N TRP B 110 -6.62 -6.12 -0.88
CA TRP B 110 -5.95 -5.17 -1.76
C TRP B 110 -4.52 -4.91 -1.31
N ASP B 111 -3.74 -4.30 -2.21
CA ASP B 111 -2.37 -3.90 -1.92
C ASP B 111 -1.99 -2.85 -2.97
N TYR B 112 -0.86 -2.18 -2.79
CA TYR B 112 -0.40 -1.17 -3.74
C TYR B 112 1.10 -0.95 -3.65
N LYS B 113 1.67 -0.32 -4.68
CA LYS B 113 3.06 0.10 -4.67
C LYS B 113 3.15 1.49 -5.32
N TYR B 114 4.30 2.15 -5.17
CA TYR B 114 4.52 3.42 -5.86
C TYR B 114 5.35 3.16 -7.12
N LEU B 115 5.03 3.90 -8.19
CA LEU B 115 5.79 3.94 -9.44
C LEU B 115 6.12 5.39 -9.74
N THR B 116 7.29 5.66 -10.32
CA THR B 116 7.61 7.04 -10.69
C THR B 116 7.85 7.11 -12.20
N LEU B 117 7.28 8.14 -12.83
CA LEU B 117 7.51 8.39 -14.24
C LEU B 117 8.28 9.68 -14.37
N LYS B 118 9.43 9.62 -15.03
N LYS B 118 9.41 9.60 -15.05
CA LYS B 118 10.22 10.80 -15.33
CA LYS B 118 10.27 10.74 -15.36
C LYS B 118 10.24 11.02 -16.84
C LYS B 118 10.23 11.01 -16.86
N VAL B 119 10.06 12.27 -17.25
CA VAL B 119 9.96 12.62 -18.66
C VAL B 119 11.19 13.43 -19.04
N LYS B 120 12.11 12.86 -19.81
CA LYS B 120 13.24 13.57 -20.43
C LYS B 120 12.89 14.32 -21.69
N ALA B 121 13.68 15.33 -22.06
CA ALA B 121 13.52 15.98 -23.35
C ALA B 121 14.46 15.34 -24.38
MG MG C . 19.94 -8.32 20.28
#